data_7YLR
#
_entry.id   7YLR
#
_cell.length_a   47.217
_cell.length_b   84.042
_cell.length_c   87.864
_cell.angle_alpha   90.000
_cell.angle_beta   90.000
_cell.angle_gamma   90.000
#
_symmetry.space_group_name_H-M   'P 21 21 21'
#
loop_
_entity.id
_entity.type
_entity.pdbx_description
1 polymer Ferredoxin
2 non-polymer 'FLAVIN MONONUCLEOTIDE'
3 non-polymer 'FE2/S2 (INORGANIC) CLUSTER'
4 water water
#
_entity_poly.entity_id   1
_entity_poly.type   'polypeptide(L)'
_entity_poly.pdbx_seq_one_letter_code
;MTAPTATLQLRVAEARQLNPLIRMLRLCAEDGRALPGFAAGAHIRVQVSLPDGRTDWRHYSLINFATARNATNAPTEYVI
AVRKEAEGRGGSRFMHEGLNEGDTLAIEAPKNDFPLHTGPGGSVLVAGGIGVTPLATMAARRRAEGAPVRMHYAGRSREL
MAFLPELQALLGDDLRVHADAEAGAPLDIDALLDGVPAGDRLYVCGPKVMLDAVLARTQARGWEHDRVHFELFTEPVAEE
GDQPFEVELAQSGQRFTVPAGQSILDCLIEHGCDPMFDCKRGECGVCAVPVLEGEIDHRDYVLTAREKAQGNVMQICISR
AKGARLVLDI
;
_entity_poly.pdbx_strand_id   A
#
# COMPACT_ATOMS: atom_id res chain seq x y z
N ALA A 3 -15.70 -6.59 -18.22
CA ALA A 3 -14.83 -5.51 -17.77
C ALA A 3 -15.16 -5.00 -16.35
N PRO A 4 -16.43 -4.91 -15.97
CA PRO A 4 -16.74 -4.65 -14.56
C PRO A 4 -16.16 -5.74 -13.68
N THR A 5 -15.49 -5.33 -12.61
CA THR A 5 -14.87 -6.29 -11.69
C THR A 5 -15.94 -6.89 -10.80
N ALA A 6 -15.81 -8.20 -10.55
CA ALA A 6 -16.77 -8.90 -9.68
C ALA A 6 -16.75 -8.30 -8.29
N THR A 7 -17.93 -8.27 -7.66
CA THR A 7 -18.07 -7.66 -6.35
C THR A 7 -18.85 -8.56 -5.41
N LEU A 8 -18.72 -8.28 -4.11
CA LEU A 8 -19.50 -8.91 -3.05
C LEU A 8 -20.25 -7.81 -2.31
N GLN A 9 -21.49 -8.08 -1.93
CA GLN A 9 -22.27 -7.18 -1.08
C GLN A 9 -22.15 -7.64 0.37
N LEU A 10 -21.38 -6.91 1.18
CA LEU A 10 -21.15 -7.31 2.56
C LEU A 10 -21.89 -6.40 3.53
N ARG A 11 -22.16 -6.92 4.72
CA ARG A 11 -22.79 -6.14 5.77
C ARG A 11 -21.73 -5.68 6.77
N VAL A 12 -21.89 -4.47 7.28
CA VAL A 12 -21.03 -3.95 8.34
C VAL A 12 -21.48 -4.62 9.64
N ALA A 13 -20.73 -5.64 10.05
CA ALA A 13 -21.06 -6.45 11.21
C ALA A 13 -20.60 -5.84 12.52
N GLU A 14 -19.60 -4.96 12.48
CA GLU A 14 -19.12 -4.30 13.69
C GLU A 14 -18.36 -3.07 13.25
N ALA A 15 -18.50 -1.99 14.01
CA ALA A 15 -17.65 -0.82 13.83
C ALA A 15 -17.12 -0.44 15.20
N ARG A 16 -15.82 -0.18 15.28
CA ARG A 16 -15.18 0.07 16.56
C ARG A 16 -14.23 1.25 16.40
N GLN A 17 -14.45 2.29 17.19
CA GLN A 17 -13.52 3.42 17.21
C GLN A 17 -12.29 3.02 18.02
N LEU A 18 -11.17 2.79 17.34
CA LEU A 18 -9.95 2.44 18.05
C LEU A 18 -9.32 3.65 18.72
N ASN A 19 -9.40 4.80 18.06
CA ASN A 19 -8.96 6.08 18.61
C ASN A 19 -9.65 7.14 17.76
N PRO A 20 -9.49 8.44 18.03
CA PRO A 20 -10.28 9.44 17.29
C PRO A 20 -10.12 9.40 15.79
N LEU A 21 -9.02 8.87 15.27
CA LEU A 21 -8.76 8.90 13.84
C LEU A 21 -9.00 7.57 13.15
N ILE A 22 -9.03 6.45 13.87
CA ILE A 22 -9.00 5.13 13.24
C ILE A 22 -10.22 4.32 13.66
N ARG A 23 -10.95 3.83 12.67
CA ARG A 23 -12.17 3.06 12.87
C ARG A 23 -11.96 1.67 12.31
N MET A 24 -12.15 0.64 13.14
CA MET A 24 -12.17 -0.74 12.69
C MET A 24 -13.55 -1.14 12.19
N LEU A 25 -13.58 -1.82 11.04
CA LEU A 25 -14.84 -2.33 10.48
C LEU A 25 -14.71 -3.83 10.25
N ARG A 26 -15.72 -4.57 10.69
CA ARG A 26 -15.82 -6.00 10.44
C ARG A 26 -16.94 -6.22 9.43
N LEU A 27 -16.62 -6.90 8.33
CA LEU A 27 -17.54 -7.08 7.21
C LEU A 27 -17.85 -8.56 7.00
N CYS A 28 -19.14 -8.89 6.84
CA CYS A 28 -19.62 -10.26 6.72
C CYS A 28 -20.52 -10.39 5.50
N ALA A 29 -20.59 -11.58 4.92
CA ALA A 29 -21.65 -11.86 3.95
C ALA A 29 -23.01 -11.78 4.63
N GLU A 30 -24.04 -11.47 3.84
CA GLU A 30 -25.38 -11.28 4.41
C GLU A 30 -25.83 -12.49 5.23
N ASP A 31 -25.50 -13.70 4.77
CA ASP A 31 -25.91 -14.92 5.45
C ASP A 31 -24.76 -15.64 6.17
N GLY A 32 -23.64 -14.94 6.40
CA GLY A 32 -22.53 -15.52 7.12
C GLY A 32 -21.75 -16.60 6.40
N ARG A 33 -21.95 -16.78 5.10
CA ARG A 33 -21.22 -17.80 4.35
C ARG A 33 -19.76 -17.41 4.19
N ALA A 34 -18.95 -18.40 3.80
CA ALA A 34 -17.52 -18.19 3.62
C ALA A 34 -17.25 -17.18 2.51
N LEU A 35 -16.22 -16.35 2.73
CA LEU A 35 -15.74 -15.39 1.76
C LEU A 35 -14.50 -15.91 1.07
N PRO A 36 -14.11 -15.33 -0.07
CA PRO A 36 -12.85 -15.74 -0.71
C PRO A 36 -11.68 -15.66 0.25
N GLY A 37 -10.84 -16.69 0.21
CA GLY A 37 -9.67 -16.71 1.05
C GLY A 37 -8.59 -15.77 0.54
N PHE A 38 -7.59 -15.56 1.38
CA PHE A 38 -6.50 -14.66 1.04
C PHE A 38 -5.28 -15.02 1.86
N ALA A 39 -4.13 -14.51 1.43
CA ALA A 39 -2.86 -14.63 2.10
C ALA A 39 -2.47 -13.28 2.69
N ALA A 40 -1.58 -13.32 3.67
CA ALA A 40 -1.11 -12.10 4.31
C ALA A 40 -0.62 -11.10 3.28
N GLY A 41 -1.01 -9.83 3.46
CA GLY A 41 -0.67 -8.77 2.54
C GLY A 41 -1.81 -8.36 1.63
N ALA A 42 -2.84 -9.20 1.50
CA ALA A 42 -3.95 -8.88 0.62
C ALA A 42 -4.75 -7.69 1.11
N HIS A 43 -5.41 -7.01 0.16
CA HIS A 43 -6.32 -5.92 0.44
C HIS A 43 -7.65 -6.19 -0.25
N ILE A 44 -8.67 -5.46 0.15
CA ILE A 44 -9.90 -5.38 -0.62
C ILE A 44 -10.10 -3.94 -1.07
N ARG A 45 -10.86 -3.79 -2.16
CA ARG A 45 -11.33 -2.48 -2.57
C ARG A 45 -12.79 -2.37 -2.16
N VAL A 46 -13.16 -1.25 -1.56
CA VAL A 46 -14.50 -1.06 -1.04
C VAL A 46 -15.10 0.17 -1.72
N GLN A 47 -16.42 0.14 -1.92
CA GLN A 47 -17.09 1.21 -2.63
C GLN A 47 -17.46 2.32 -1.64
N VAL A 48 -17.12 3.55 -2.01
CA VAL A 48 -17.37 4.70 -1.16
C VAL A 48 -18.21 5.69 -1.96
N SER A 49 -18.89 6.58 -1.24
CA SER A 49 -19.55 7.73 -1.84
C SER A 49 -18.73 8.97 -1.51
N LEU A 50 -18.29 9.68 -2.54
CA LEU A 50 -17.52 10.91 -2.37
C LEU A 50 -18.44 12.06 -2.00
N PRO A 51 -17.88 13.22 -1.64
CA PRO A 51 -18.74 14.32 -1.16
C PRO A 51 -19.81 14.75 -2.14
N ASP A 52 -19.58 14.62 -3.45
CA ASP A 52 -20.57 15.02 -4.44
C ASP A 52 -21.48 13.86 -4.83
N GLY A 53 -21.38 12.72 -4.16
CA GLY A 53 -22.23 11.58 -4.41
C GLY A 53 -21.69 10.61 -5.41
N ARG A 54 -20.62 10.99 -6.13
CA ARG A 54 -19.92 10.06 -7.01
C ARG A 54 -19.50 8.84 -6.21
N THR A 55 -19.66 7.66 -6.81
CA THR A 55 -19.13 6.46 -6.19
C THR A 55 -17.70 6.24 -6.68
N ASP A 56 -16.86 5.70 -5.81
CA ASP A 56 -15.47 5.41 -6.13
C ASP A 56 -15.05 4.21 -5.31
N TRP A 57 -13.80 3.82 -5.43
CA TRP A 57 -13.29 2.63 -4.74
C TRP A 57 -12.05 3.03 -3.95
N ARG A 58 -11.88 2.37 -2.79
CA ARG A 58 -10.75 2.62 -1.90
C ARG A 58 -10.16 1.29 -1.45
N HIS A 59 -8.82 1.19 -1.50
CA HIS A 59 -8.14 0.01 -0.99
C HIS A 59 -8.04 0.06 0.52
N TYR A 60 -8.34 -1.07 1.20
CA TYR A 60 -8.06 -1.25 2.62
C TYR A 60 -7.50 -2.65 2.86
N SER A 61 -6.39 -2.71 3.61
CA SER A 61 -5.70 -3.98 3.83
C SER A 61 -6.48 -4.87 4.81
N LEU A 62 -6.40 -6.18 4.58
CA LEU A 62 -7.10 -7.13 5.44
C LEU A 62 -6.29 -7.44 6.71
N ILE A 63 -6.96 -7.39 7.86
CA ILE A 63 -6.33 -7.51 9.17
C ILE A 63 -6.70 -8.87 9.78
N ASN A 64 -5.70 -9.61 10.25
CA ASN A 64 -5.94 -10.84 11.02
C ASN A 64 -4.84 -10.99 12.06
N PHE A 65 -5.22 -11.29 13.31
CA PHE A 65 -4.24 -11.60 14.35
C PHE A 65 -4.21 -13.07 14.73
N ALA A 66 -5.14 -13.89 14.24
CA ALA A 66 -5.19 -15.29 14.63
C ALA A 66 -4.01 -16.06 14.07
N THR A 67 -3.46 -16.96 14.89
CA THR A 67 -2.28 -17.71 14.50
C THR A 67 -2.57 -19.19 14.19
N ALA A 68 -3.82 -19.55 13.96
CA ALA A 68 -4.08 -20.83 13.32
C ALA A 68 -3.52 -20.84 11.89
N ARG A 69 -2.97 -21.97 11.45
CA ARG A 69 -2.41 -22.02 10.10
C ARG A 69 -3.47 -21.89 9.01
N ASN A 70 -4.75 -22.12 9.33
CA ASN A 70 -5.85 -21.96 8.38
C ASN A 70 -6.55 -20.62 8.53
N ALA A 71 -5.89 -19.63 9.13
CA ALA A 71 -6.61 -18.49 9.69
C ALA A 71 -7.39 -17.72 8.62
N THR A 72 -6.83 -17.58 7.42
CA THR A 72 -7.47 -16.74 6.41
C THR A 72 -7.79 -17.52 5.15
N ASN A 73 -7.80 -18.85 5.23
CA ASN A 73 -8.03 -19.69 4.05
C ASN A 73 -9.51 -19.75 3.67
N ALA A 74 -10.42 -19.62 4.64
CA ALA A 74 -11.86 -19.64 4.38
C ALA A 74 -12.55 -18.72 5.39
N PRO A 75 -12.28 -17.41 5.29
CA PRO A 75 -12.79 -16.50 6.32
C PRO A 75 -14.29 -16.31 6.18
N THR A 76 -14.92 -16.02 7.33
CA THR A 76 -16.33 -15.62 7.36
C THR A 76 -16.49 -14.15 7.67
N GLU A 77 -15.38 -13.41 7.74
CA GLU A 77 -15.42 -11.97 7.88
C GLU A 77 -14.13 -11.41 7.29
N TYR A 78 -14.20 -10.13 6.91
CA TYR A 78 -13.06 -9.31 6.54
C TYR A 78 -12.97 -8.17 7.54
N VAL A 79 -11.76 -7.88 8.01
CA VAL A 79 -11.56 -6.81 8.98
C VAL A 79 -10.61 -5.78 8.38
N ILE A 80 -11.01 -4.52 8.41
CA ILE A 80 -10.18 -3.42 7.93
C ILE A 80 -10.19 -2.33 8.98
N ALA A 81 -9.23 -1.40 8.86
CA ALA A 81 -9.13 -0.26 9.76
C ALA A 81 -8.77 0.97 8.95
N VAL A 82 -9.60 2.02 9.06
CA VAL A 82 -9.56 3.18 8.17
C VAL A 82 -9.15 4.41 8.97
N ARG A 83 -8.09 5.08 8.54
CA ARG A 83 -7.69 6.35 9.13
C ARG A 83 -8.48 7.48 8.45
N LYS A 84 -9.23 8.24 9.25
CA LYS A 84 -10.01 9.35 8.70
C LYS A 84 -9.09 10.48 8.25
N GLU A 85 -9.23 10.90 6.99
CA GLU A 85 -8.45 12.02 6.45
C GLU A 85 -9.41 13.19 6.24
N ALA A 86 -9.45 14.10 7.22
CA ALA A 86 -10.42 15.19 7.13
C ALA A 86 -10.15 16.07 5.93
N GLU A 87 -8.91 16.10 5.44
CA GLU A 87 -8.56 16.89 4.26
C GLU A 87 -8.28 16.02 3.04
N GLY A 88 -8.69 14.75 3.06
CA GLY A 88 -8.57 13.88 1.92
C GLY A 88 -9.69 14.09 0.91
N ARG A 89 -9.82 13.12 -0.01
CA ARG A 89 -10.77 13.20 -1.11
C ARG A 89 -12.20 12.82 -0.71
N GLY A 90 -12.43 12.39 0.52
CA GLY A 90 -13.76 12.07 0.99
C GLY A 90 -14.01 10.59 1.18
N GLY A 91 -13.14 9.72 0.70
CA GLY A 91 -13.40 8.29 0.82
C GLY A 91 -13.26 7.78 2.24
N SER A 92 -12.16 8.12 2.91
CA SER A 92 -12.01 7.74 4.31
C SER A 92 -13.02 8.48 5.19
N ARG A 93 -13.39 9.71 4.83
CA ARG A 93 -14.45 10.38 5.56
C ARG A 93 -15.75 9.60 5.46
N PHE A 94 -16.06 9.08 4.26
CA PHE A 94 -17.26 8.28 4.09
C PHE A 94 -17.23 7.04 4.99
N MET A 95 -16.07 6.38 5.07
CA MET A 95 -15.95 5.19 5.90
C MET A 95 -16.20 5.47 7.36
N HIS A 96 -15.98 6.72 7.80
CA HIS A 96 -16.29 7.12 9.16
C HIS A 96 -17.69 7.68 9.33
N GLU A 97 -18.17 8.48 8.38
CA GLU A 97 -19.36 9.30 8.59
C GLU A 97 -20.58 8.84 7.80
N GLY A 98 -20.39 8.07 6.73
CA GLY A 98 -21.49 7.66 5.88
C GLY A 98 -21.75 6.18 5.91
N LEU A 99 -21.17 5.45 6.86
CA LEU A 99 -21.26 4.01 6.95
C LEU A 99 -21.56 3.65 8.39
N ASN A 100 -22.61 2.85 8.61
CA ASN A 100 -23.04 2.50 9.95
C ASN A 100 -23.13 0.98 10.07
N GLU A 101 -23.08 0.49 11.30
CA GLU A 101 -23.36 -0.93 11.53
C GLU A 101 -24.71 -1.28 10.91
N GLY A 102 -24.75 -2.42 10.20
CA GLY A 102 -25.96 -2.83 9.52
C GLY A 102 -26.04 -2.40 8.07
N ASP A 103 -25.24 -1.42 7.66
CA ASP A 103 -25.25 -0.99 6.27
C ASP A 103 -24.63 -2.07 5.38
N THR A 104 -25.01 -2.07 4.11
CA THR A 104 -24.32 -2.94 3.18
C THR A 104 -23.32 -2.13 2.36
N LEU A 105 -22.25 -2.80 1.96
CA LEU A 105 -21.10 -2.19 1.31
C LEU A 105 -20.66 -3.13 0.19
N ALA A 106 -20.56 -2.62 -1.04
CA ALA A 106 -19.99 -3.42 -2.13
C ALA A 106 -18.47 -3.44 -2.00
N ILE A 107 -17.87 -4.62 -2.16
CA ILE A 107 -16.41 -4.75 -2.18
C ILE A 107 -16.00 -5.58 -3.38
N GLU A 108 -14.73 -5.44 -3.75
CA GLU A 108 -14.09 -6.34 -4.71
C GLU A 108 -13.35 -7.43 -3.96
N ALA A 109 -13.26 -8.61 -4.58
CA ALA A 109 -12.62 -9.74 -3.94
C ALA A 109 -11.16 -9.41 -3.62
N PRO A 110 -10.60 -10.04 -2.59
CA PRO A 110 -9.22 -9.72 -2.19
C PRO A 110 -8.24 -9.88 -3.35
N LYS A 111 -7.26 -8.98 -3.36
CA LYS A 111 -6.14 -9.00 -4.29
C LYS A 111 -4.88 -8.79 -3.47
N ASN A 112 -3.75 -9.37 -3.88
CA ASN A 112 -2.54 -9.30 -3.06
C ASN A 112 -1.35 -8.86 -3.91
N ASP A 113 -0.89 -7.62 -3.70
CA ASP A 113 0.31 -7.12 -4.36
C ASP A 113 1.51 -7.08 -3.43
N PHE A 114 1.36 -7.64 -2.23
CA PHE A 114 2.31 -7.48 -1.14
C PHE A 114 2.48 -8.80 -0.39
N PRO A 115 2.75 -9.92 -1.07
CA PRO A 115 2.75 -11.20 -0.36
C PRO A 115 4.06 -11.45 0.38
N LEU A 116 3.98 -12.31 1.40
CA LEU A 116 5.20 -12.79 2.06
C LEU A 116 5.98 -13.69 1.12
N HIS A 117 7.31 -13.60 1.19
CA HIS A 117 8.21 -14.40 0.35
C HIS A 117 8.50 -15.73 1.05
N THR A 118 8.38 -16.84 0.29
CA THR A 118 8.60 -18.17 0.86
C THR A 118 10.05 -18.63 0.78
N GLY A 119 10.93 -17.87 0.14
CA GLY A 119 12.35 -18.15 0.17
C GLY A 119 12.96 -18.08 1.56
N PRO A 120 14.24 -18.40 1.67
CA PRO A 120 14.87 -18.43 3.00
C PRO A 120 15.01 -17.03 3.57
N GLY A 121 15.13 -16.97 4.88
CA GLY A 121 15.29 -15.71 5.57
C GLY A 121 14.10 -15.38 6.43
N GLY A 122 14.36 -14.70 7.55
CA GLY A 122 13.30 -14.23 8.42
C GLY A 122 12.68 -12.97 7.84
N SER A 123 11.83 -12.34 8.65
CA SER A 123 11.01 -11.23 8.18
C SER A 123 11.13 -10.05 9.13
N VAL A 124 11.36 -8.87 8.57
CA VAL A 124 11.38 -7.63 9.34
C VAL A 124 10.33 -6.70 8.73
N LEU A 125 9.39 -6.28 9.56
CA LEU A 125 8.22 -5.51 9.14
C LEU A 125 8.42 -4.07 9.59
N VAL A 126 8.20 -3.11 8.70
CA VAL A 126 8.39 -1.69 9.03
C VAL A 126 7.07 -0.99 8.72
N ALA A 127 6.36 -0.58 9.77
CA ALA A 127 5.03 0.01 9.65
C ALA A 127 5.09 1.49 9.95
N GLY A 128 4.55 2.31 9.06
CA GLY A 128 4.36 3.72 9.37
C GLY A 128 2.90 4.04 9.55
N GLY A 129 2.50 4.37 10.78
CA GLY A 129 1.11 4.72 11.04
C GLY A 129 0.16 3.58 10.69
N ILE A 130 -0.92 3.92 9.98
CA ILE A 130 -1.93 2.94 9.63
C ILE A 130 -1.42 1.89 8.63
N GLY A 131 -0.21 2.09 8.10
CA GLY A 131 0.51 1.08 7.34
C GLY A 131 0.73 -0.22 8.10
N VAL A 132 0.47 -0.22 9.41
CA VAL A 132 0.53 -1.44 10.20
C VAL A 132 -0.49 -2.49 9.76
N THR A 133 -1.54 -2.13 9.03
CA THR A 133 -2.65 -3.08 8.87
C THR A 133 -2.26 -4.38 8.15
N PRO A 134 -1.61 -4.39 6.97
CA PRO A 134 -1.25 -5.69 6.40
C PRO A 134 -0.10 -6.32 7.12
N LEU A 135 0.77 -5.50 7.73
CA LEU A 135 1.92 -6.04 8.45
C LEU A 135 1.50 -6.79 9.72
N ALA A 136 0.39 -6.39 10.35
CA ALA A 136 -0.15 -7.18 11.46
C ALA A 136 -0.51 -8.58 11.00
N THR A 137 -1.19 -8.69 9.85
CA THR A 137 -1.53 -9.98 9.27
C THR A 137 -0.30 -10.80 8.90
N MET A 138 0.71 -10.14 8.33
CA MET A 138 2.01 -10.77 8.09
C MET A 138 2.63 -11.30 9.37
N ALA A 139 2.66 -10.47 10.42
CA ALA A 139 3.20 -10.91 11.71
C ALA A 139 2.45 -12.11 12.23
N ALA A 140 1.12 -12.10 12.15
CA ALA A 140 0.33 -13.23 12.62
C ALA A 140 0.69 -14.51 11.86
N ARG A 141 0.86 -14.39 10.54
CA ARG A 141 1.19 -15.54 9.71
C ARG A 141 2.57 -16.10 10.03
N ARG A 142 3.57 -15.23 10.21
CA ARG A 142 4.89 -15.73 10.57
C ARG A 142 4.86 -16.43 11.92
N ARG A 143 4.11 -15.87 12.88
CA ARG A 143 3.94 -16.54 14.17
C ARG A 143 3.24 -17.89 14.00
N ALA A 144 2.26 -17.96 13.10
CA ALA A 144 1.58 -19.23 12.84
C ALA A 144 2.53 -20.28 12.31
N GLU A 145 3.54 -19.86 11.55
CA GLU A 145 4.55 -20.72 10.96
C GLU A 145 5.69 -21.04 11.92
N GLY A 146 5.79 -20.34 13.04
CA GLY A 146 6.96 -20.48 13.89
C GLY A 146 8.22 -19.89 13.28
N ALA A 147 8.07 -18.89 12.37
CA ALA A 147 9.16 -18.27 11.65
C ALA A 147 9.58 -16.97 12.32
N PRO A 148 10.87 -16.62 12.23
CA PRO A 148 11.36 -15.41 12.88
C PRO A 148 10.74 -14.16 12.27
N VAL A 149 10.24 -13.27 13.12
CA VAL A 149 9.64 -12.02 12.65
C VAL A 149 9.86 -10.96 13.71
N ARG A 150 10.11 -9.73 13.24
CA ARG A 150 10.24 -8.55 14.09
C ARG A 150 9.45 -7.42 13.43
N MET A 151 8.82 -6.57 14.21
CA MET A 151 8.08 -5.44 13.67
C MET A 151 8.58 -4.14 14.26
N HIS A 152 8.92 -3.18 13.39
CA HIS A 152 9.19 -1.79 13.78
C HIS A 152 7.94 -0.99 13.44
N TYR A 153 7.27 -0.46 14.46
CA TYR A 153 6.00 0.23 14.28
C TYR A 153 6.23 1.68 14.68
N ALA A 154 6.17 2.57 13.70
CA ALA A 154 6.50 3.98 13.90
C ALA A 154 5.26 4.83 13.68
N GLY A 155 5.08 5.84 14.54
CA GLY A 155 4.01 6.79 14.37
C GLY A 155 4.40 8.09 15.03
N ARG A 156 3.55 9.10 14.83
CA ARG A 156 3.77 10.40 15.45
C ARG A 156 3.53 10.34 16.96
N SER A 157 2.38 9.81 17.36
CA SER A 157 2.00 9.72 18.75
C SER A 157 1.42 8.35 19.07
N ARG A 158 1.81 7.79 20.20
CA ARG A 158 1.24 6.53 20.64
C ARG A 158 -0.27 6.62 20.80
N GLU A 159 -0.78 7.80 21.19
CA GLU A 159 -2.22 8.02 21.33
C GLU A 159 -2.98 7.78 20.03
N LEU A 160 -2.31 7.86 18.88
CA LEU A 160 -2.99 7.73 17.61
C LEU A 160 -2.58 6.47 16.84
N MET A 161 -1.73 5.64 17.43
CA MET A 161 -1.35 4.37 16.81
C MET A 161 -2.28 3.25 17.24
N ALA A 162 -2.87 2.58 16.27
CA ALA A 162 -3.83 1.51 16.49
C ALA A 162 -3.14 0.16 16.68
N PHE A 163 -3.85 -0.75 17.38
CA PHE A 163 -3.50 -2.17 17.52
C PHE A 163 -2.29 -2.42 18.40
N LEU A 164 -1.87 -1.46 19.22
CA LEU A 164 -0.72 -1.72 20.09
C LEU A 164 -0.98 -2.89 21.05
N PRO A 165 -2.13 -2.99 21.74
CA PRO A 165 -2.29 -4.14 22.65
C PRO A 165 -2.32 -5.48 21.93
N GLU A 166 -3.01 -5.56 20.79
CA GLU A 166 -3.01 -6.79 20.00
C GLU A 166 -1.62 -7.18 19.53
N LEU A 167 -0.83 -6.21 19.05
CA LEU A 167 0.49 -6.51 18.55
C LEU A 167 1.47 -6.86 19.66
N GLN A 168 1.32 -6.21 20.82
CA GLN A 168 2.15 -6.55 21.98
C GLN A 168 1.90 -7.98 22.43
N ALA A 169 0.62 -8.38 22.47
CA ALA A 169 0.31 -9.76 22.81
C ALA A 169 0.86 -10.74 21.78
N LEU A 170 0.77 -10.38 20.50
CA LEU A 170 1.21 -11.28 19.43
C LEU A 170 2.73 -11.41 19.37
N LEU A 171 3.45 -10.30 19.49
CA LEU A 171 4.88 -10.28 19.18
C LEU A 171 5.79 -10.11 20.40
N GLY A 172 5.28 -9.59 21.52
CA GLY A 172 6.13 -9.42 22.69
C GLY A 172 7.33 -8.55 22.39
N ASP A 173 8.52 -9.02 22.75
CA ASP A 173 9.73 -8.23 22.55
C ASP A 173 10.09 -8.07 21.08
N ASP A 174 9.46 -8.83 20.19
CA ASP A 174 9.71 -8.65 18.77
C ASP A 174 8.96 -7.46 18.19
N LEU A 175 8.15 -6.78 18.99
CA LEU A 175 7.56 -5.52 18.57
C LEU A 175 8.41 -4.37 19.11
N ARG A 176 8.87 -3.48 18.21
CA ARG A 176 9.62 -2.29 18.60
C ARG A 176 8.80 -1.07 18.20
N VAL A 177 8.33 -0.31 19.18
CA VAL A 177 7.44 0.81 18.92
C VAL A 177 8.26 2.08 18.92
N HIS A 178 8.09 2.91 17.88
CA HIS A 178 8.68 4.24 17.83
C HIS A 178 7.57 5.28 17.74
N ALA A 179 7.54 6.20 18.69
CA ALA A 179 6.62 7.32 18.69
C ALA A 179 7.41 8.61 18.67
N ASP A 180 7.24 9.42 17.61
CA ASP A 180 7.96 10.69 17.49
C ASP A 180 7.76 11.53 18.75
N ALA A 181 6.55 11.52 19.31
CA ALA A 181 6.24 12.35 20.47
C ALA A 181 7.00 11.92 21.72
N GLU A 182 7.52 10.70 21.76
CA GLU A 182 8.35 10.23 22.86
C GLU A 182 9.83 10.33 22.54
N ALA A 183 10.22 9.94 21.33
CA ALA A 183 11.64 9.93 20.97
C ALA A 183 12.18 11.35 20.79
N GLY A 184 11.34 12.30 20.40
CA GLY A 184 11.84 13.61 20.01
C GLY A 184 12.57 13.64 18.69
N ALA A 185 12.46 12.58 17.89
CA ALA A 185 13.23 12.43 16.66
C ALA A 185 12.51 11.41 15.78
N PRO A 186 12.72 11.44 14.47
CA PRO A 186 12.06 10.46 13.60
C PRO A 186 12.73 9.10 13.73
N LEU A 187 12.01 8.09 13.25
CA LEU A 187 12.55 6.73 13.23
C LEU A 187 13.95 6.72 12.61
N ASP A 188 14.90 6.10 13.31
CA ASP A 188 16.25 5.95 12.76
C ASP A 188 16.25 4.76 11.82
N ILE A 189 16.06 5.03 10.52
CA ILE A 189 16.01 3.95 9.54
C ILE A 189 17.39 3.34 9.33
N ASP A 190 18.45 4.13 9.46
CA ASP A 190 19.78 3.59 9.26
C ASP A 190 20.13 2.54 10.31
N ALA A 191 19.83 2.84 11.57
CA ALA A 191 20.04 1.85 12.62
C ALA A 191 19.13 0.66 12.45
N LEU A 192 17.88 0.88 12.04
CA LEU A 192 16.96 -0.21 11.74
C LEU A 192 17.56 -1.18 10.71
N LEU A 193 18.06 -0.63 9.59
CA LEU A 193 18.61 -1.50 8.56
C LEU A 193 19.87 -2.21 9.03
N ASP A 194 20.68 -1.54 9.87
CA ASP A 194 21.88 -2.19 10.42
C ASP A 194 21.52 -3.41 11.27
N GLY A 195 20.40 -3.34 11.98
CA GLY A 195 19.96 -4.43 12.83
C GLY A 195 19.28 -5.59 12.13
N VAL A 196 18.95 -5.47 10.85
CA VAL A 196 18.29 -6.57 10.14
C VAL A 196 19.25 -7.74 10.07
N PRO A 197 18.86 -8.94 10.53
CA PRO A 197 19.77 -10.10 10.44
C PRO A 197 20.11 -10.42 8.99
N ALA A 198 21.32 -10.95 8.78
CA ALA A 198 21.80 -11.22 7.43
C ALA A 198 20.80 -12.09 6.68
N GLY A 199 20.43 -11.67 5.48
CA GLY A 199 19.51 -12.41 4.65
C GLY A 199 18.04 -12.19 4.94
N ASP A 200 17.67 -11.49 6.01
CA ASP A 200 16.26 -11.36 6.33
C ASP A 200 15.61 -10.41 5.32
N ARG A 201 14.33 -10.60 5.08
CA ARG A 201 13.62 -9.78 4.12
C ARG A 201 12.82 -8.70 4.84
N LEU A 202 12.64 -7.58 4.16
CA LEU A 202 12.06 -6.38 4.75
C LEU A 202 10.75 -6.06 4.06
N TYR A 203 9.72 -5.78 4.85
CA TYR A 203 8.40 -5.45 4.33
C TYR A 203 8.00 -4.10 4.88
N VAL A 204 7.81 -3.13 3.99
CA VAL A 204 7.69 -1.72 4.36
C VAL A 204 6.33 -1.22 3.88
N CYS A 205 5.52 -0.72 4.81
CA CYS A 205 4.17 -0.29 4.46
C CYS A 205 3.83 1.02 5.13
N GLY A 206 3.32 1.95 4.33
CA GLY A 206 2.79 3.19 4.86
C GLY A 206 2.99 4.37 3.93
N PRO A 207 3.52 5.46 4.45
CA PRO A 207 3.56 6.70 3.69
C PRO A 207 4.76 6.80 2.76
N LYS A 208 4.56 7.54 1.67
CA LYS A 208 5.59 7.66 0.64
C LYS A 208 6.94 8.08 1.23
N VAL A 209 6.95 9.01 2.18
CA VAL A 209 8.22 9.53 2.68
C VAL A 209 9.04 8.43 3.37
N MET A 210 8.38 7.55 4.12
CA MET A 210 9.08 6.42 4.75
C MET A 210 9.57 5.43 3.70
N LEU A 211 8.70 5.06 2.76
CA LEU A 211 9.06 4.07 1.76
C LEU A 211 10.23 4.57 0.93
N ASP A 212 10.23 5.86 0.60
CA ASP A 212 11.32 6.45 -0.18
C ASP A 212 12.64 6.39 0.60
N ALA A 213 12.60 6.65 1.91
CA ALA A 213 13.83 6.63 2.70
C ALA A 213 14.40 5.22 2.81
N VAL A 214 13.53 4.21 2.96
CA VAL A 214 13.98 2.83 2.95
C VAL A 214 14.55 2.45 1.59
N LEU A 215 13.86 2.84 0.50
CA LEU A 215 14.31 2.45 -0.84
C LEU A 215 15.70 2.99 -1.12
N ALA A 216 15.93 4.27 -0.81
CA ALA A 216 17.24 4.85 -1.07
C ALA A 216 18.33 4.08 -0.36
N ARG A 217 18.08 3.68 0.89
CA ARG A 217 19.11 3.07 1.71
C ARG A 217 19.32 1.60 1.35
N THR A 218 18.24 0.84 1.10
CA THR A 218 18.44 -0.55 0.71
C THR A 218 19.08 -0.67 -0.66
N GLN A 219 18.78 0.27 -1.58
CA GLN A 219 19.47 0.23 -2.87
C GLN A 219 20.93 0.68 -2.73
N ALA A 220 21.20 1.65 -1.86
CA ALA A 220 22.59 2.03 -1.61
C ALA A 220 23.37 0.85 -1.05
N ARG A 221 22.74 0.05 -0.20
CA ARG A 221 23.40 -1.09 0.43
C ARG A 221 23.55 -2.28 -0.52
N GLY A 222 22.92 -2.22 -1.70
CA GLY A 222 23.06 -3.30 -2.66
C GLY A 222 22.29 -4.55 -2.28
N TRP A 223 21.22 -4.40 -1.51
CA TRP A 223 20.42 -5.56 -1.12
C TRP A 223 19.81 -6.20 -2.35
N GLU A 224 19.67 -7.52 -2.32
CA GLU A 224 19.03 -8.22 -3.43
C GLU A 224 17.61 -7.66 -3.65
N HIS A 225 17.17 -7.71 -4.90
CA HIS A 225 15.92 -7.05 -5.30
C HIS A 225 14.68 -7.65 -4.65
N ASP A 226 14.67 -8.96 -4.35
CA ASP A 226 13.56 -9.59 -3.68
C ASP A 226 13.73 -9.61 -2.17
N ARG A 227 14.69 -8.85 -1.66
CA ARG A 227 14.86 -8.74 -0.22
C ARG A 227 13.93 -7.70 0.39
N VAL A 228 13.51 -6.69 -0.37
CA VAL A 228 12.71 -5.61 0.18
C VAL A 228 11.39 -5.48 -0.58
N HIS A 229 10.30 -5.34 0.17
CA HIS A 229 8.95 -5.32 -0.40
C HIS A 229 8.22 -4.09 0.11
N PHE A 230 7.50 -3.41 -0.79
CA PHE A 230 6.92 -2.11 -0.52
C PHE A 230 5.43 -2.13 -0.78
N GLU A 231 4.66 -1.52 0.12
CA GLU A 231 3.23 -1.32 -0.04
C GLU A 231 2.91 0.15 0.25
N LEU A 232 2.59 0.91 -0.80
CA LEU A 232 2.41 2.36 -0.71
C LEU A 232 0.93 2.68 -0.47
N PHE A 233 0.62 3.25 0.70
CA PHE A 233 -0.76 3.64 1.00
C PHE A 233 -1.09 5.03 0.43
N THR A 234 -0.10 5.91 0.31
CA THR A 234 -0.37 7.30 -0.03
C THR A 234 -1.02 7.43 -1.41
N GLU A 235 -2.18 8.10 -1.41
CA GLU A 235 -2.99 8.43 -2.58
C GLU A 235 -3.49 9.85 -2.47
N PRO A 236 -3.60 10.57 -3.59
CA PRO A 236 -3.31 10.11 -4.95
C PRO A 236 -1.80 10.07 -5.20
N VAL A 237 -1.32 9.24 -6.12
CA VAL A 237 0.12 9.22 -6.40
C VAL A 237 0.50 10.44 -7.22
N ALA A 238 -0.41 10.89 -8.08
CA ALA A 238 -0.28 12.18 -8.76
C ALA A 238 -0.65 13.25 -7.74
N GLU A 239 0.38 13.82 -7.12
CA GLU A 239 0.24 14.81 -6.04
C GLU A 239 -0.55 16.04 -6.47
N GLY A 241 1.10 19.59 -5.95
CA GLY A 241 2.41 20.18 -6.17
C GLY A 241 3.01 19.81 -7.51
N ASP A 242 2.41 18.83 -8.18
CA ASP A 242 2.90 18.38 -9.47
C ASP A 242 2.52 19.34 -10.57
N GLN A 243 3.29 19.28 -11.66
CA GLN A 243 3.17 20.14 -12.83
C GLN A 243 2.74 19.35 -14.06
N PRO A 244 2.12 20.00 -15.04
CA PRO A 244 1.79 19.31 -16.29
C PRO A 244 3.05 19.08 -17.13
N PHE A 245 2.96 18.10 -18.02
CA PHE A 245 4.03 17.89 -18.99
C PHE A 245 3.49 17.22 -20.24
N GLU A 246 4.27 17.34 -21.31
CA GLU A 246 3.93 16.76 -22.60
C GLU A 246 4.50 15.35 -22.69
N VAL A 247 3.70 14.43 -23.23
CA VAL A 247 4.19 13.11 -23.56
C VAL A 247 4.03 12.91 -25.06
N GLU A 248 5.10 12.53 -25.73
CA GLU A 248 5.09 12.24 -27.15
C GLU A 248 5.26 10.75 -27.32
N LEU A 249 4.30 10.11 -27.99
CA LEU A 249 4.37 8.69 -28.25
C LEU A 249 5.12 8.48 -29.56
N ALA A 250 6.34 7.95 -29.46
CA ALA A 250 7.27 7.93 -30.58
C ALA A 250 6.76 7.09 -31.76
N GLN A 251 5.91 6.09 -31.51
CA GLN A 251 5.43 5.26 -32.61
C GLN A 251 4.56 6.05 -33.58
N SER A 252 3.78 7.01 -33.09
CA SER A 252 2.80 7.63 -33.95
C SER A 252 2.70 9.14 -33.78
N GLY A 253 3.68 9.79 -33.15
CA GLY A 253 3.75 11.23 -33.13
C GLY A 253 2.71 11.95 -32.29
N GLN A 254 1.78 11.24 -31.66
CA GLN A 254 0.78 11.90 -30.85
C GLN A 254 1.41 12.55 -29.63
N ARG A 255 0.99 13.78 -29.35
CA ARG A 255 1.45 14.54 -28.21
C ARG A 255 0.24 14.84 -27.32
N PHE A 256 0.24 14.29 -26.12
CA PHE A 256 -0.78 14.58 -25.13
C PHE A 256 -0.16 15.43 -24.03
N THR A 257 -0.99 16.23 -23.38
CA THR A 257 -0.58 16.92 -22.17
C THR A 257 -1.08 16.12 -20.98
N VAL A 258 -0.16 15.67 -20.14
CA VAL A 258 -0.52 15.01 -18.88
C VAL A 258 -0.81 16.10 -17.85
N PRO A 259 -2.01 16.18 -17.31
CA PRO A 259 -2.32 17.20 -16.30
C PRO A 259 -1.62 16.90 -14.99
N ALA A 260 -1.63 17.92 -14.11
CA ALA A 260 -0.97 17.82 -12.81
C ALA A 260 -1.61 16.77 -11.90
N GLY A 261 -2.91 16.53 -12.03
CA GLY A 261 -3.57 15.57 -11.16
C GLY A 261 -3.74 14.18 -11.72
N GLN A 262 -3.09 13.85 -12.84
CA GLN A 262 -3.33 12.61 -13.53
C GLN A 262 -2.01 11.92 -13.85
N SER A 263 -1.98 10.60 -13.72
CA SER A 263 -0.79 9.84 -14.09
C SER A 263 -0.68 9.72 -15.60
N ILE A 264 0.54 9.45 -16.07
CA ILE A 264 0.70 9.15 -17.49
C ILE A 264 -0.20 7.99 -17.89
N LEU A 265 -0.24 6.94 -17.06
CA LEU A 265 -1.04 5.76 -17.38
C LEU A 265 -2.51 6.11 -17.49
N ASP A 266 -3.04 6.88 -16.54
CA ASP A 266 -4.45 7.25 -16.59
C ASP A 266 -4.74 8.15 -17.79
N CYS A 267 -3.78 9.01 -18.13
CA CYS A 267 -3.95 9.87 -19.30
C CYS A 267 -4.00 9.05 -20.58
N LEU A 268 -3.17 8.01 -20.68
CA LEU A 268 -3.19 7.14 -21.85
C LEU A 268 -4.44 6.28 -21.88
N ILE A 269 -4.74 5.59 -20.77
CA ILE A 269 -5.94 4.77 -20.67
C ILE A 269 -7.16 5.57 -21.14
N GLU A 270 -7.28 6.80 -20.66
CA GLU A 270 -8.33 7.72 -21.09
C GLU A 270 -8.32 7.93 -22.60
N HIS A 271 -7.26 8.57 -23.11
CA HIS A 271 -7.25 9.00 -24.51
C HIS A 271 -7.48 7.84 -25.47
N GLY A 272 -7.17 6.60 -25.07
CA GLY A 272 -7.60 5.46 -25.86
C GLY A 272 -6.73 4.20 -25.90
N CYS A 273 -5.47 4.28 -25.47
CA CYS A 273 -4.56 3.16 -25.68
C CYS A 273 -4.90 2.00 -24.74
N ASP A 274 -4.09 0.94 -24.81
CA ASP A 274 -4.31 -0.26 -24.00
C ASP A 274 -3.02 -0.61 -23.26
N PRO A 275 -2.61 0.21 -22.29
CA PRO A 275 -1.34 -0.03 -21.62
C PRO A 275 -1.38 -1.28 -20.76
N MET A 276 -0.23 -1.90 -20.59
CA MET A 276 -0.07 -2.93 -19.58
C MET A 276 0.02 -2.28 -18.20
N PHE A 277 -0.78 -2.76 -17.26
CA PHE A 277 -0.72 -2.25 -15.89
C PHE A 277 -1.34 -3.26 -14.96
N ASP A 278 -1.15 -3.03 -13.66
CA ASP A 278 -1.78 -3.86 -12.63
C ASP A 278 -1.93 -3.04 -11.36
N CYS A 279 -0.86 -2.90 -10.58
CA CYS A 279 -0.99 -2.32 -9.24
C CYS A 279 -1.33 -0.83 -9.25
N LYS A 280 -0.85 -0.09 -10.26
CA LYS A 280 -1.03 1.35 -10.40
C LYS A 280 -0.35 2.16 -9.29
N ARG A 281 0.62 1.59 -8.58
CA ARG A 281 1.33 2.34 -7.56
C ARG A 281 2.81 1.95 -7.45
N GLY A 282 3.43 1.58 -8.57
CA GLY A 282 4.88 1.51 -8.63
C GLY A 282 5.49 0.27 -8.02
N GLU A 283 4.69 -0.77 -7.79
CA GLU A 283 5.15 -1.95 -7.07
C GLU A 283 5.36 -3.16 -7.95
N CYS A 284 4.49 -3.35 -8.94
CA CYS A 284 4.48 -4.59 -9.70
C CYS A 284 5.42 -4.60 -10.89
N GLY A 285 5.77 -3.45 -11.43
CA GLY A 285 6.65 -3.38 -12.60
C GLY A 285 5.96 -3.52 -13.94
N VAL A 286 4.67 -3.86 -13.97
CA VAL A 286 4.02 -4.28 -15.21
C VAL A 286 3.91 -3.13 -16.23
N CYS A 287 3.78 -1.88 -15.77
CA CYS A 287 3.49 -0.75 -16.66
C CYS A 287 4.74 -0.13 -17.28
N ALA A 288 5.89 -0.78 -17.22
CA ALA A 288 7.13 -0.18 -17.68
C ALA A 288 7.07 0.17 -19.16
N VAL A 289 7.57 1.36 -19.50
CA VAL A 289 7.58 1.88 -20.85
C VAL A 289 8.99 2.39 -21.13
N PRO A 290 9.55 2.16 -22.33
CA PRO A 290 10.85 2.75 -22.65
C PRO A 290 10.77 4.26 -22.84
N VAL A 291 11.83 4.94 -22.41
CA VAL A 291 11.92 6.39 -22.48
C VAL A 291 13.04 6.74 -23.45
N LEU A 292 12.71 7.46 -24.52
CA LEU A 292 13.70 7.81 -25.53
C LEU A 292 14.32 9.19 -25.30
N GLU A 293 13.61 10.10 -24.64
CA GLU A 293 14.12 11.45 -24.45
C GLU A 293 13.42 12.07 -23.26
N GLY A 294 14.17 12.81 -22.45
CA GLY A 294 13.57 13.54 -21.35
C GLY A 294 13.99 12.94 -20.02
N GLU A 295 14.30 13.79 -19.06
CA GLU A 295 14.67 13.36 -17.72
C GLU A 295 13.43 12.93 -16.94
N ILE A 296 13.59 11.87 -16.15
CA ILE A 296 12.50 11.21 -15.45
C ILE A 296 12.60 11.52 -13.97
N ASP A 297 11.45 11.81 -13.35
CA ASP A 297 11.28 11.87 -11.90
C ASP A 297 10.72 10.52 -11.45
N HIS A 298 11.59 9.61 -11.03
CA HIS A 298 11.18 8.25 -10.68
C HIS A 298 10.51 8.21 -9.30
N ARG A 299 9.35 7.56 -9.23
CA ARG A 299 8.57 7.48 -7.99
C ARG A 299 8.12 6.05 -7.68
N ASP A 300 8.71 5.06 -8.33
CA ASP A 300 8.33 3.68 -8.18
C ASP A 300 9.18 3.00 -7.12
N TYR A 301 8.88 1.72 -6.85
CA TYR A 301 9.55 0.91 -5.85
C TYR A 301 10.03 -0.39 -6.47
N VAL A 302 10.28 -0.41 -7.78
CA VAL A 302 10.54 -1.68 -8.45
C VAL A 302 11.78 -1.60 -9.34
N LEU A 303 12.08 -0.44 -9.93
CA LEU A 303 13.27 -0.31 -10.77
C LEU A 303 14.54 -0.29 -9.93
N THR A 304 15.60 -0.90 -10.46
CA THR A 304 16.88 -0.89 -9.75
C THR A 304 17.51 0.50 -9.85
N ALA A 305 18.51 0.73 -8.99
CA ALA A 305 19.24 1.99 -9.07
C ALA A 305 19.92 2.14 -10.43
N ARG A 306 20.45 1.04 -10.97
CA ARG A 306 21.06 1.09 -12.30
C ARG A 306 20.03 1.44 -13.36
N GLU A 307 18.85 0.80 -13.34
CA GLU A 307 17.84 1.10 -14.35
C GLU A 307 17.40 2.55 -14.28
N LYS A 308 17.25 3.09 -13.08
CA LYS A 308 16.85 4.48 -12.96
C LYS A 308 17.92 5.42 -13.49
N ALA A 309 19.19 5.10 -13.22
CA ALA A 309 20.28 5.98 -13.65
C ALA A 309 20.40 6.03 -15.18
N GLN A 310 20.19 4.88 -15.83
CA GLN A 310 20.32 4.80 -17.29
C GLN A 310 19.26 5.61 -18.02
N GLY A 311 18.10 5.88 -17.39
CA GLY A 311 17.16 6.81 -17.95
C GLY A 311 16.36 6.32 -19.14
N ASN A 312 16.28 5.01 -19.35
CA ASN A 312 15.66 4.45 -20.55
C ASN A 312 14.34 3.74 -20.27
N VAL A 313 13.82 3.79 -19.04
CA VAL A 313 12.59 3.08 -18.73
C VAL A 313 11.96 3.77 -17.53
N MET A 314 10.63 3.75 -17.49
CA MET A 314 9.93 4.31 -16.33
C MET A 314 8.63 3.57 -16.09
N GLN A 315 8.11 3.68 -14.87
CA GLN A 315 6.78 3.17 -14.52
C GLN A 315 5.80 4.33 -14.66
N ILE A 316 4.96 4.28 -15.70
CA ILE A 316 4.07 5.39 -16.05
C ILE A 316 2.87 5.50 -15.12
N CYS A 317 2.62 4.51 -14.26
CA CYS A 317 1.57 4.67 -13.28
C CYS A 317 1.90 5.74 -12.24
N ILE A 318 3.18 6.04 -12.02
CA ILE A 318 3.53 6.81 -10.81
C ILE A 318 4.64 7.82 -11.07
N SER A 319 5.48 7.57 -12.07
CA SER A 319 6.62 8.46 -12.30
C SER A 319 6.27 9.55 -13.31
N ARG A 320 7.03 10.64 -13.26
CA ARG A 320 6.65 11.83 -14.02
C ARG A 320 7.88 12.39 -14.74
N ALA A 321 7.66 13.43 -15.54
CA ALA A 321 8.75 14.17 -16.16
C ALA A 321 9.43 15.06 -15.13
N LYS A 322 10.77 15.07 -15.17
CA LYS A 322 11.50 16.09 -14.42
C LYS A 322 11.29 17.47 -15.03
N GLY A 323 11.19 17.53 -16.36
CA GLY A 323 10.96 18.77 -17.05
C GLY A 323 9.57 18.85 -17.65
N ALA A 324 9.47 19.38 -18.85
CA ALA A 324 8.17 19.63 -19.47
C ALA A 324 7.81 18.61 -20.54
N ARG A 325 8.67 17.63 -20.81
CA ARG A 325 8.45 16.77 -21.96
C ARG A 325 9.12 15.41 -21.78
N LEU A 326 8.45 14.35 -22.19
CA LEU A 326 9.00 13.02 -22.25
C LEU A 326 8.64 12.41 -23.60
N VAL A 327 9.58 11.67 -24.20
CA VAL A 327 9.30 10.90 -25.41
C VAL A 327 9.33 9.43 -25.02
N LEU A 328 8.19 8.76 -25.18
CA LEU A 328 8.03 7.36 -24.81
C LEU A 328 7.86 6.52 -26.07
N ASP A 329 8.41 5.31 -26.06
CA ASP A 329 8.23 4.42 -27.20
C ASP A 329 6.85 3.76 -27.21
#